data_7Y13
#
_entry.id   7Y13
#
_cell.length_a   1.00
_cell.length_b   1.00
_cell.length_c   1.00
_cell.angle_alpha   90.00
_cell.angle_beta   90.00
_cell.angle_gamma   90.00
#
_symmetry.space_group_name_H-M   'P 1'
#
loop_
_entity.id
_entity.type
_entity.pdbx_description
1 polymer 'Soluble cytochrome b562,Mas-related G-protein coupled receptor member D'
2 non-polymer 'PALMITIC ACID'
3 water water
#
_entity_poly.entity_id   1
_entity_poly.type   'polypeptide(L)'
_entity_poly.pdbx_seq_one_letter_code
;MKTIIALSYIFCLVFADYKDDDDKADLEDNWETLNDNLKVIEKADNAAQVKDALTKMRAAALDAQKATPPKLEDKSPDSP
EMKDFRHGFDILVGQIDDALKLANEGKVKEAQAAAEQLKTTRNAYIQKYLNSSGTVESALNYSRGSTVHTAYLVLSSLAM
FTCLCGMAGNSMVIWLLGFRMHRNPFCIYILNLAAADLLFLFSMASTLSLETQPLVNTTDKVHELMKRLMYFAYTVGLSL
LTAISTQRCLSVLFPIWFKCHRPRHLSAWVCGLLWTLCLLMNGLTSSFCSKFLKFNEDRCFRVDMVQAALIMGVLTPVMT
LSSLTLFVWVRRSSQQWRRQPTRLFVVVLASVLVFLICSLPLSIYWFVLYWLSLPPEMQVLCFSLSRLSSSVSSSANPVI
YFLVGSRRSHRLPTRSLGTVLQQALREEPELEGGETPTVGTNEMGA
;
_entity_poly.pdbx_strand_id   R
#
loop_
_chem_comp.id
_chem_comp.type
_chem_comp.name
_chem_comp.formula
PLM non-polymer 'PALMITIC ACID' 'C16 H32 O2'
#
# COMPACT_ATOMS: atom_id res chain seq x y z
N THR A 147 -11.91 -17.36 -22.51
CA THR A 147 -12.60 -18.00 -21.39
C THR A 147 -12.02 -17.55 -20.06
N VAL A 148 -12.42 -18.24 -18.98
CA VAL A 148 -11.94 -17.88 -17.65
C VAL A 148 -10.42 -18.08 -17.56
N HIS A 149 -9.92 -19.19 -18.11
CA HIS A 149 -8.48 -19.45 -18.05
C HIS A 149 -7.70 -18.39 -18.80
N THR A 150 -8.18 -17.96 -19.96
CA THR A 150 -7.50 -16.90 -20.69
C THR A 150 -7.51 -15.58 -19.91
N ALA A 151 -8.66 -15.23 -19.32
CA ALA A 151 -8.77 -14.01 -18.54
C ALA A 151 -7.97 -14.08 -17.25
N TYR A 152 -7.59 -15.27 -16.79
CA TYR A 152 -6.71 -15.41 -15.65
C TYR A 152 -5.23 -15.33 -16.05
N LEU A 153 -4.87 -15.99 -17.15
CA LEU A 153 -3.49 -15.96 -17.63
C LEU A 153 -3.09 -14.54 -18.04
N VAL A 154 -3.98 -13.84 -18.76
CA VAL A 154 -3.66 -12.49 -19.20
C VAL A 154 -3.53 -11.56 -17.99
N LEU A 155 -4.42 -11.70 -17.01
CA LEU A 155 -4.41 -10.84 -15.84
C LEU A 155 -3.29 -11.17 -14.87
N SER A 156 -2.72 -12.37 -14.94
CA SER A 156 -1.55 -12.72 -14.14
C SER A 156 -0.24 -12.33 -14.81
N SER A 157 -0.16 -12.42 -16.14
CA SER A 157 1.05 -11.98 -16.83
C SER A 157 1.30 -10.50 -16.63
N LEU A 158 0.26 -9.68 -16.73
CA LEU A 158 0.40 -8.25 -16.48
C LEU A 158 0.83 -7.99 -15.05
N ALA A 159 0.28 -8.74 -14.10
CA ALA A 159 0.67 -8.59 -12.70
C ALA A 159 2.14 -8.90 -12.51
N MET A 160 2.63 -9.98 -13.13
CA MET A 160 4.05 -10.31 -13.02
C MET A 160 4.93 -9.24 -13.66
N PHE A 161 4.55 -8.76 -14.84
CA PHE A 161 5.35 -7.73 -15.51
C PHE A 161 5.43 -6.45 -14.68
N THR A 162 4.29 -5.97 -14.20
CA THR A 162 4.31 -4.77 -13.36
C THR A 162 4.94 -5.03 -12.00
N CYS A 163 4.96 -6.27 -11.52
CA CYS A 163 5.73 -6.59 -10.32
C CYS A 163 7.22 -6.41 -10.56
N LEU A 164 7.72 -6.91 -11.69
CA LEU A 164 9.13 -6.71 -12.00
C LEU A 164 9.45 -5.22 -12.16
N CYS A 165 8.59 -4.48 -12.86
CA CYS A 165 8.80 -3.04 -13.02
C CYS A 165 8.80 -2.32 -11.67
N GLY A 166 7.87 -2.69 -10.79
CA GLY A 166 7.82 -2.05 -9.49
C GLY A 166 9.01 -2.36 -8.63
N MET A 167 9.50 -3.61 -8.69
CA MET A 167 10.73 -3.94 -7.97
C MET A 167 11.90 -3.11 -8.49
N ALA A 168 12.02 -2.96 -9.81
CA ALA A 168 13.10 -2.14 -10.34
C ALA A 168 12.99 -0.69 -9.87
N GLY A 169 11.77 -0.14 -9.93
CA GLY A 169 11.59 1.24 -9.52
C GLY A 169 11.86 1.46 -8.04
N ASN A 170 11.41 0.54 -7.18
CA ASN A 170 11.62 0.69 -5.75
C ASN A 170 13.08 0.46 -5.38
N SER A 171 13.77 -0.44 -6.09
CA SER A 171 15.21 -0.58 -5.88
C SER A 171 15.94 0.69 -6.26
N MET A 172 15.55 1.32 -7.37
CA MET A 172 16.15 2.60 -7.76
C MET A 172 15.89 3.67 -6.71
N VAL A 173 14.67 3.73 -6.17
CA VAL A 173 14.34 4.72 -5.16
C VAL A 173 15.17 4.50 -3.90
N ILE A 174 15.30 3.24 -3.46
CA ILE A 174 16.10 2.94 -2.28
C ILE A 174 17.55 3.31 -2.50
N TRP A 175 18.09 3.00 -3.68
CA TRP A 175 19.48 3.36 -3.97
C TRP A 175 19.69 4.86 -3.97
N LEU A 176 18.77 5.61 -4.58
CA LEU A 176 18.93 7.04 -4.75
C LEU A 176 18.50 7.84 -3.52
N LEU A 177 17.91 7.21 -2.53
CA LEU A 177 17.43 7.94 -1.37
C LEU A 177 17.76 7.27 -0.04
N GLY A 178 18.47 6.14 -0.06
CA GLY A 178 18.62 5.34 1.16
C GLY A 178 19.31 6.08 2.29
N PHE A 179 20.44 6.71 2.01
CA PHE A 179 21.21 7.40 3.04
C PHE A 179 21.28 8.90 2.83
N ARG A 180 20.85 9.41 1.70
CA ARG A 180 20.87 10.83 1.37
C ARG A 180 19.45 11.39 1.39
N MET A 181 19.35 12.68 1.04
CA MET A 181 18.07 13.40 0.95
C MET A 181 17.31 13.38 2.28
N HIS A 182 18.02 13.18 3.38
CA HIS A 182 17.39 12.95 4.67
C HIS A 182 17.32 14.19 5.55
N ARG A 183 17.78 15.34 5.05
CA ARG A 183 17.41 16.59 5.71
C ARG A 183 15.93 16.90 5.49
N ASN A 184 15.36 16.36 4.43
CA ASN A 184 13.93 16.49 4.18
C ASN A 184 13.15 15.65 5.18
N PRO A 185 12.16 16.22 5.88
CA PRO A 185 11.32 15.41 6.77
C PRO A 185 10.41 14.44 6.03
N PHE A 186 10.29 14.56 4.71
CA PHE A 186 9.37 13.75 3.93
C PHE A 186 10.01 12.49 3.36
N CYS A 187 11.30 12.26 3.56
CA CYS A 187 11.99 11.18 2.87
C CYS A 187 12.03 9.88 3.65
N ILE A 188 11.87 9.92 4.98
CA ILE A 188 11.84 8.69 5.76
C ILE A 188 10.61 7.86 5.40
N TYR A 189 9.45 8.52 5.32
CA TYR A 189 8.23 7.83 4.94
C TYR A 189 8.35 7.24 3.54
N ILE A 190 8.98 7.97 2.62
CA ILE A 190 9.10 7.49 1.25
C ILE A 190 10.05 6.30 1.17
N LEU A 191 11.15 6.34 1.93
CA LEU A 191 12.05 5.19 1.96
C LEU A 191 11.36 3.96 2.53
N ASN A 192 10.63 4.13 3.64
CA ASN A 192 9.91 3.00 4.22
C ASN A 192 8.83 2.48 3.28
N LEU A 193 8.14 3.38 2.58
CA LEU A 193 7.13 2.97 1.61
C LEU A 193 7.76 2.23 0.45
N ALA A 194 8.94 2.66 0.00
CA ALA A 194 9.63 1.94 -1.07
C ALA A 194 10.03 0.55 -0.62
N ALA A 195 10.52 0.42 0.62
CA ALA A 195 10.85 -0.91 1.14
C ALA A 195 9.61 -1.79 1.23
N ALA A 196 8.52 -1.25 1.74
CA ALA A 196 7.28 -2.01 1.86
C ALA A 196 6.75 -2.45 0.50
N ASP A 197 6.80 -1.55 -0.49
CA ASP A 197 6.34 -1.87 -1.82
C ASP A 197 7.24 -2.90 -2.50
N LEU A 198 8.55 -2.81 -2.26
CA LEU A 198 9.45 -3.84 -2.77
C LEU A 198 9.14 -5.20 -2.16
N LEU A 199 8.88 -5.24 -0.85
CA LEU A 199 8.50 -6.49 -0.21
C LEU A 199 7.20 -7.04 -0.78
N PHE A 200 6.19 -6.17 -0.95
CA PHE A 200 4.92 -6.58 -1.52
C PHE A 200 5.10 -7.17 -2.91
N LEU A 201 5.81 -6.45 -3.79
CA LEU A 201 5.96 -6.90 -5.16
C LEU A 201 6.79 -8.16 -5.25
N PHE A 202 7.87 -8.28 -4.46
CA PHE A 202 8.65 -9.52 -4.47
C PHE A 202 7.83 -10.69 -3.97
N SER A 203 7.09 -10.50 -2.88
CA SER A 203 6.30 -11.60 -2.32
C SER A 203 5.26 -12.08 -3.30
N MET A 204 4.49 -11.16 -3.89
CA MET A 204 3.44 -11.56 -4.79
C MET A 204 3.99 -12.01 -6.15
N ALA A 205 5.15 -11.53 -6.57
CA ALA A 205 5.79 -12.07 -7.77
C ALA A 205 6.18 -13.52 -7.55
N SER A 206 6.76 -13.83 -6.39
CA SER A 206 7.06 -15.23 -6.08
C SER A 206 5.78 -16.05 -6.02
N THR A 207 4.73 -15.50 -5.41
CA THR A 207 3.46 -16.20 -5.33
C THR A 207 2.94 -16.55 -6.73
N LEU A 208 2.86 -15.55 -7.61
CA LEU A 208 2.41 -15.78 -8.98
C LEU A 208 3.32 -16.73 -9.74
N SER A 209 4.62 -16.74 -9.44
CA SER A 209 5.52 -17.67 -10.12
C SER A 209 5.27 -19.10 -9.69
N LEU A 210 5.02 -19.32 -8.40
CA LEU A 210 4.89 -20.69 -7.88
C LEU A 210 3.46 -21.19 -7.84
N GLU A 211 2.49 -20.40 -8.30
CA GLU A 211 1.16 -20.95 -8.54
C GLU A 211 1.08 -21.73 -9.85
N THR A 212 2.04 -21.54 -10.75
CA THR A 212 2.10 -22.38 -11.95
C THR A 212 2.39 -23.82 -11.59
N GLN A 213 3.27 -24.05 -10.62
CA GLN A 213 3.58 -25.39 -10.15
C GLN A 213 2.44 -25.93 -9.29
N PRO A 214 2.22 -27.23 -9.30
CA PRO A 214 1.21 -27.82 -8.42
C PRO A 214 1.57 -27.60 -6.96
N LEU A 215 0.55 -27.38 -6.14
CA LEU A 215 0.70 -27.11 -4.72
C LEU A 215 0.20 -28.33 -3.95
N VAL A 216 1.10 -29.26 -3.67
CA VAL A 216 0.70 -30.49 -2.98
C VAL A 216 1.47 -30.67 -1.68
N ASN A 217 2.78 -30.84 -1.77
CA ASN A 217 3.56 -31.09 -0.56
C ASN A 217 4.80 -30.22 -0.43
N THR A 218 5.53 -30.00 -1.52
CA THR A 218 6.76 -29.20 -1.44
C THR A 218 6.44 -27.72 -1.37
N THR A 219 5.67 -27.23 -2.34
CA THR A 219 5.11 -25.90 -2.29
C THR A 219 3.88 -25.92 -1.39
N ASP A 220 3.06 -24.88 -1.44
CA ASP A 220 1.84 -24.72 -0.65
C ASP A 220 2.17 -24.51 0.82
N LYS A 221 3.43 -24.67 1.21
CA LYS A 221 3.91 -24.29 2.53
C LYS A 221 4.69 -23.00 2.50
N VAL A 222 5.58 -22.83 1.51
CA VAL A 222 6.15 -21.51 1.24
C VAL A 222 5.13 -20.60 0.59
N HIS A 223 4.15 -21.16 -0.14
CA HIS A 223 3.13 -20.34 -0.76
C HIS A 223 2.33 -19.56 0.28
N GLU A 224 1.92 -20.22 1.36
CA GLU A 224 1.21 -19.52 2.41
C GLU A 224 2.08 -18.48 3.09
N LEU A 225 3.37 -18.79 3.29
CA LEU A 225 4.27 -17.82 3.89
C LEU A 225 4.39 -16.57 3.04
N MET A 226 4.54 -16.73 1.72
CA MET A 226 4.66 -15.57 0.87
C MET A 226 3.32 -14.86 0.66
N LYS A 227 2.19 -15.56 0.77
CA LYS A 227 0.90 -14.88 0.76
C LYS A 227 0.74 -13.99 2.01
N ARG A 228 1.14 -14.50 3.17
CA ARG A 228 1.09 -13.66 4.37
C ARG A 228 2.09 -12.51 4.28
N LEU A 229 3.24 -12.74 3.67
CA LEU A 229 4.19 -11.65 3.43
C LEU A 229 3.58 -10.58 2.52
N MET A 230 2.90 -11.02 1.46
CA MET A 230 2.18 -10.10 0.58
C MET A 230 1.18 -9.27 1.36
N TYR A 231 0.37 -9.93 2.20
CA TYR A 231 -0.67 -9.22 2.93
C TYR A 231 -0.07 -8.23 3.93
N PHE A 232 0.98 -8.65 4.64
CA PHE A 232 1.61 -7.77 5.62
C PHE A 232 2.25 -6.56 4.95
N ALA A 233 2.92 -6.78 3.81
CA ALA A 233 3.49 -5.65 3.07
C ALA A 233 2.42 -4.73 2.51
N TYR A 234 1.30 -5.30 2.04
CA TYR A 234 0.20 -4.47 1.56
C TYR A 234 -0.36 -3.59 2.66
N THR A 235 -0.58 -4.17 3.85
CA THR A 235 -1.10 -3.41 4.97
C THR A 235 -0.13 -2.32 5.41
N VAL A 236 1.16 -2.64 5.49
CA VAL A 236 2.12 -1.62 5.91
C VAL A 236 2.28 -0.54 4.85
N GLY A 237 2.15 -0.90 3.57
CA GLY A 237 2.19 0.12 2.52
C GLY A 237 1.00 1.05 2.58
N LEU A 238 -0.19 0.51 2.86
CA LEU A 238 -1.36 1.38 3.03
C LEU A 238 -1.19 2.29 4.24
N SER A 239 -0.66 1.76 5.34
CA SER A 239 -0.42 2.60 6.51
C SER A 239 0.59 3.69 6.21
N LEU A 240 1.64 3.38 5.45
CA LEU A 240 2.63 4.37 5.10
C LEU A 240 2.06 5.43 4.16
N LEU A 241 1.19 5.04 3.23
CA LEU A 241 0.53 6.02 2.38
C LEU A 241 -0.33 6.97 3.21
N THR A 242 -1.08 6.42 4.17
CA THR A 242 -1.86 7.27 5.07
C THR A 242 -0.95 8.22 5.85
N ALA A 243 0.20 7.71 6.32
CA ALA A 243 1.14 8.55 7.05
C ALA A 243 1.70 9.66 6.18
N ILE A 244 2.03 9.36 4.92
CA ILE A 244 2.54 10.37 4.01
C ILE A 244 1.50 11.46 3.76
N SER A 245 0.26 11.05 3.50
CA SER A 245 -0.80 12.02 3.26
C SER A 245 -1.06 12.89 4.49
N THR A 246 -1.07 12.27 5.68
CA THR A 246 -1.28 13.04 6.91
C THR A 246 -0.13 14.01 7.15
N GLN A 247 1.11 13.58 6.87
CA GLN A 247 2.25 14.47 7.03
C GLN A 247 2.16 15.65 6.07
N ARG A 248 1.79 15.39 4.81
CA ARG A 248 1.63 16.47 3.85
C ARG A 248 0.55 17.44 4.30
N CYS A 249 -0.58 16.93 4.79
CA CYS A 249 -1.64 17.81 5.26
C CYS A 249 -1.20 18.63 6.45
N LEU A 250 -0.47 18.03 7.38
CA LEU A 250 0.00 18.75 8.57
C LEU A 250 1.08 19.78 8.23
N SER A 251 1.85 19.53 7.16
CA SER A 251 2.89 20.48 6.77
C SER A 251 2.31 21.83 6.38
N VAL A 252 1.09 21.85 5.85
CA VAL A 252 0.46 23.10 5.45
C VAL A 252 -0.61 23.56 6.42
N LEU A 253 -1.26 22.66 7.15
CA LEU A 253 -2.23 23.08 8.16
C LEU A 253 -1.52 23.67 9.37
N PHE A 254 -0.39 23.08 9.77
CA PHE A 254 0.41 23.54 10.90
C PHE A 254 1.86 23.63 10.46
N PRO A 255 2.23 24.70 9.74
CA PRO A 255 3.62 24.80 9.24
C PRO A 255 4.61 25.13 10.34
N ILE A 256 4.18 25.92 11.33
CA ILE A 256 5.07 26.29 12.43
C ILE A 256 5.47 25.06 13.23
N TRP A 257 4.50 24.19 13.55
CA TRP A 257 4.81 22.95 14.24
C TRP A 257 5.70 22.05 13.39
N PHE A 258 5.41 21.96 12.10
CA PHE A 258 6.20 21.11 11.22
C PHE A 258 7.64 21.61 11.08
N LYS A 259 7.86 22.90 11.25
CA LYS A 259 9.19 23.47 11.07
C LYS A 259 9.99 23.51 12.36
N CYS A 260 9.43 24.08 13.42
CA CYS A 260 10.19 24.33 14.64
C CYS A 260 9.71 23.55 15.86
N HIS A 261 8.78 22.61 15.70
CA HIS A 261 8.27 21.86 16.84
C HIS A 261 8.15 20.36 16.59
N ARG A 262 8.29 19.91 15.35
CA ARG A 262 8.19 18.49 15.06
C ARG A 262 9.44 17.76 15.57
N PRO A 263 9.27 16.64 16.28
CA PRO A 263 10.44 15.83 16.63
C PRO A 263 11.16 15.37 15.38
N ARG A 264 12.49 15.45 15.42
CA ARG A 264 13.28 15.18 14.21
C ARG A 264 13.27 13.71 13.84
N HIS A 265 12.93 12.83 14.79
CA HIS A 265 12.84 11.40 14.53
C HIS A 265 11.41 10.91 14.50
N LEU A 266 10.43 11.82 14.43
CA LEU A 266 9.04 11.42 14.53
C LEU A 266 8.66 10.46 13.40
N SER A 267 9.12 10.74 12.19
CA SER A 267 8.86 9.81 11.09
C SER A 267 9.47 8.45 11.36
N ALA A 268 10.64 8.40 12.00
CA ALA A 268 11.31 7.13 12.24
C ALA A 268 10.48 6.23 13.15
N TRP A 269 10.06 6.73 14.31
CA TRP A 269 9.30 5.85 15.19
C TRP A 269 7.83 5.73 14.80
N VAL A 270 7.28 6.68 14.02
CA VAL A 270 5.97 6.43 13.44
C VAL A 270 6.02 5.25 12.47
N CYS A 271 7.05 5.22 11.63
CA CYS A 271 7.23 4.09 10.73
C CYS A 271 7.49 2.80 11.51
N GLY A 272 8.29 2.88 12.58
CA GLY A 272 8.53 1.69 13.39
C GLY A 272 7.26 1.16 14.03
N LEU A 273 6.42 2.06 14.56
CA LEU A 273 5.14 1.65 15.12
C LEU A 273 4.24 1.03 14.05
N LEU A 274 4.23 1.62 12.85
CA LEU A 274 3.41 1.06 11.78
C LEU A 274 3.88 -0.35 11.41
N TRP A 275 5.19 -0.55 11.25
CA TRP A 275 5.71 -1.87 10.93
C TRP A 275 5.38 -2.87 12.03
N THR A 276 5.58 -2.48 13.29
CA THR A 276 5.33 -3.37 14.41
C THR A 276 3.85 -3.75 14.49
N LEU A 277 2.96 -2.78 14.36
CA LEU A 277 1.53 -3.05 14.45
C LEU A 277 1.04 -3.90 13.29
N CYS A 278 1.53 -3.63 12.07
CA CYS A 278 1.14 -4.45 10.94
C CYS A 278 1.64 -5.88 11.11
N LEU A 279 2.87 -6.05 11.59
CA LEU A 279 3.39 -7.38 11.84
C LEU A 279 2.58 -8.11 12.89
N LEU A 280 2.21 -7.41 13.97
CA LEU A 280 1.40 -8.04 15.01
C LEU A 280 0.03 -8.45 14.49
N MET A 281 -0.62 -7.58 13.71
CA MET A 281 -1.95 -7.91 13.19
C MET A 281 -1.89 -9.06 12.20
N ASN A 282 -0.88 -9.09 11.34
CA ASN A 282 -0.75 -10.19 10.40
C ASN A 282 -0.33 -11.48 11.07
N GLY A 283 0.42 -11.42 12.17
CA GLY A 283 0.71 -12.61 12.94
C GLY A 283 -0.48 -13.18 13.68
N LEU A 284 -1.56 -12.41 13.80
CA LEU A 284 -2.83 -12.91 14.29
C LEU A 284 -3.72 -13.43 13.17
N THR A 285 -3.81 -12.71 12.05
CA THR A 285 -4.56 -13.22 10.91
C THR A 285 -3.99 -14.54 10.41
N SER A 286 -2.67 -14.67 10.29
CA SER A 286 -2.06 -15.93 9.88
C SER A 286 -2.20 -17.01 10.94
N SER A 287 -2.09 -16.67 12.22
CA SER A 287 -2.22 -17.66 13.29
C SER A 287 -3.65 -18.13 13.47
N PHE A 288 -4.64 -17.38 12.99
CA PHE A 288 -6.03 -17.79 13.12
C PHE A 288 -6.69 -18.21 11.82
N CYS A 289 -6.03 -18.07 10.67
CA CYS A 289 -6.67 -18.45 9.41
C CYS A 289 -5.82 -19.26 8.46
N SER A 290 -4.51 -19.37 8.65
CA SER A 290 -3.70 -20.19 7.77
C SER A 290 -3.92 -21.67 8.07
N LYS A 291 -3.97 -22.48 7.03
CA LYS A 291 -4.16 -23.92 7.21
C LYS A 291 -2.82 -24.63 7.38
N PHE A 292 -1.99 -24.06 8.26
CA PHE A 292 -0.73 -24.65 8.68
C PHE A 292 -0.41 -24.23 10.10
N LEU A 293 -1.36 -23.60 10.79
CA LEU A 293 -1.18 -23.04 12.12
C LEU A 293 -2.44 -23.37 12.90
N LYS A 294 -2.66 -22.68 14.02
CA LYS A 294 -3.86 -22.90 14.82
C LYS A 294 -5.07 -22.39 14.05
N PHE A 295 -5.42 -23.13 13.01
CA PHE A 295 -6.49 -22.74 12.09
C PHE A 295 -7.85 -22.86 12.76
N ASN A 296 -8.74 -21.92 12.42
CA ASN A 296 -10.08 -21.92 12.98
C ASN A 296 -11.03 -21.28 11.99
N GLU A 297 -12.33 -21.49 12.21
CA GLU A 297 -13.37 -20.93 11.37
C GLU A 297 -14.02 -19.69 11.99
N ASP A 298 -14.43 -19.77 13.25
CA ASP A 298 -15.04 -18.63 13.91
C ASP A 298 -14.03 -17.56 14.28
N ARG A 299 -12.74 -17.88 14.27
CA ARG A 299 -11.71 -16.90 14.59
C ARG A 299 -11.13 -16.22 13.37
N CYS A 300 -11.05 -16.93 12.24
CA CYS A 300 -10.67 -16.27 10.99
C CYS A 300 -11.64 -15.15 10.63
N PHE A 301 -12.94 -15.41 10.75
CA PHE A 301 -13.91 -14.38 10.39
C PHE A 301 -13.78 -13.16 11.29
N ARG A 302 -13.59 -13.38 12.59
CA ARG A 302 -13.46 -12.24 13.51
C ARG A 302 -12.18 -11.45 13.25
N VAL A 303 -11.05 -12.14 13.04
CA VAL A 303 -9.82 -11.42 12.81
C VAL A 303 -9.84 -10.70 11.46
N ASP A 304 -10.51 -11.28 10.46
CA ASP A 304 -10.63 -10.61 9.18
C ASP A 304 -11.58 -9.41 9.24
N MET A 305 -12.69 -9.54 9.98
CA MET A 305 -13.57 -8.39 10.19
C MET A 305 -12.93 -7.32 11.05
N VAL A 306 -11.89 -7.68 11.82
CA VAL A 306 -11.11 -6.65 12.48
C VAL A 306 -10.17 -5.96 11.49
N GLN A 307 -9.41 -6.76 10.73
CA GLN A 307 -8.40 -6.19 9.84
C GLN A 307 -9.03 -5.36 8.74
N ALA A 308 -10.03 -5.90 8.05
CA ALA A 308 -10.64 -5.17 6.93
C ALA A 308 -11.39 -3.95 7.41
N ALA A 309 -12.11 -4.06 8.53
CA ALA A 309 -12.80 -2.88 9.07
C ALA A 309 -11.80 -1.80 9.48
N LEU A 310 -10.72 -2.16 10.15
CA LEU A 310 -9.71 -1.18 10.49
C LEU A 310 -9.14 -0.53 9.23
N ILE A 311 -8.69 -1.35 8.27
CA ILE A 311 -8.11 -0.83 7.04
C ILE A 311 -9.06 0.15 6.37
N MET A 312 -10.24 -0.33 5.96
CA MET A 312 -11.18 0.55 5.28
C MET A 312 -11.54 1.74 6.15
N GLY A 313 -12.28 1.50 7.23
CA GLY A 313 -12.85 2.59 8.00
C GLY A 313 -11.89 3.40 8.84
N VAL A 314 -10.57 3.21 8.68
CA VAL A 314 -9.62 4.12 9.32
C VAL A 314 -8.67 4.68 8.28
N LEU A 315 -7.99 3.80 7.53
CA LEU A 315 -7.02 4.29 6.56
C LEU A 315 -7.66 4.98 5.37
N THR A 316 -8.90 4.64 5.01
CA THR A 316 -9.52 5.36 3.91
C THR A 316 -10.01 6.74 4.36
N PRO A 317 -10.84 6.85 5.42
CA PRO A 317 -11.28 8.19 5.82
C PRO A 317 -10.14 9.11 6.17
N VAL A 318 -9.11 8.64 6.88
CA VAL A 318 -8.02 9.51 7.30
C VAL A 318 -7.25 10.01 6.09
N MET A 319 -6.86 9.11 5.19
CA MET A 319 -6.07 9.51 4.03
C MET A 319 -6.86 10.44 3.12
N THR A 320 -8.10 10.06 2.78
CA THR A 320 -8.88 10.91 1.88
C THR A 320 -9.23 12.25 2.52
N LEU A 321 -9.53 12.29 3.81
CA LEU A 321 -9.83 13.55 4.46
C LEU A 321 -8.60 14.44 4.56
N SER A 322 -7.43 13.86 4.83
CA SER A 322 -6.21 14.65 4.87
C SER A 322 -5.89 15.22 3.50
N SER A 323 -6.01 14.41 2.44
CA SER A 323 -5.76 14.89 1.10
C SER A 323 -6.76 15.97 0.70
N LEU A 324 -8.04 15.78 1.05
CA LEU A 324 -9.05 16.77 0.74
C LEU A 324 -8.79 18.08 1.48
N THR A 325 -8.38 18.00 2.74
CA THR A 325 -8.06 19.21 3.50
C THR A 325 -6.86 19.94 2.91
N LEU A 326 -5.83 19.19 2.49
CA LEU A 326 -4.69 19.82 1.84
C LEU A 326 -5.10 20.48 0.53
N PHE A 327 -5.93 19.80 -0.26
CA PHE A 327 -6.44 20.36 -1.52
C PHE A 327 -7.22 21.64 -1.26
N VAL A 328 -8.14 21.62 -0.31
CA VAL A 328 -8.97 22.78 -0.02
C VAL A 328 -8.11 23.93 0.51
N TRP A 329 -7.16 23.63 1.40
CA TRP A 329 -6.31 24.68 1.94
C TRP A 329 -5.47 25.34 0.85
N VAL A 330 -4.90 24.53 -0.06
CA VAL A 330 -4.11 25.08 -1.14
C VAL A 330 -4.99 25.90 -2.09
N ARG A 331 -6.18 25.41 -2.41
CA ARG A 331 -7.05 26.10 -3.35
C ARG A 331 -7.59 27.40 -2.76
N ARG A 332 -7.76 27.45 -1.44
CA ARG A 332 -8.38 28.61 -0.81
C ARG A 332 -7.34 29.63 -0.33
N SER A 333 -6.43 29.23 0.55
CA SER A 333 -5.50 30.14 1.19
C SER A 333 -4.19 30.29 0.43
N SER A 334 -3.99 29.56 -0.65
CA SER A 334 -2.74 29.65 -1.38
C SER A 334 -2.91 29.96 -2.86
N GLN A 335 -3.96 29.43 -3.50
CA GLN A 335 -4.18 29.68 -4.91
C GLN A 335 -4.94 30.98 -5.17
N GLN A 336 -5.50 31.61 -4.13
CA GLN A 336 -6.29 32.82 -4.33
C GLN A 336 -5.40 34.04 -4.56
N TRP A 337 -4.24 34.10 -3.90
CA TRP A 337 -3.38 35.28 -3.99
C TRP A 337 -2.39 35.16 -5.14
N ARG A 338 -1.53 34.14 -5.11
CA ARG A 338 -0.52 33.95 -6.12
C ARG A 338 -1.07 33.04 -7.23
N ARG A 339 -0.19 32.59 -8.12
CA ARG A 339 -0.59 31.68 -9.18
C ARG A 339 -1.10 30.37 -8.60
N GLN A 340 -2.10 29.81 -9.26
CA GLN A 340 -2.71 28.57 -8.78
C GLN A 340 -1.74 27.41 -8.96
N PRO A 341 -1.42 26.67 -7.89
CA PRO A 341 -0.53 25.49 -8.02
C PRO A 341 -1.27 24.31 -8.64
N THR A 342 -1.33 24.31 -9.96
CA THR A 342 -2.01 23.23 -10.68
C THR A 342 -1.31 21.90 -10.48
N ARG A 343 0.02 21.93 -10.35
CA ARG A 343 0.75 20.68 -10.12
C ARG A 343 0.36 20.04 -8.79
N LEU A 344 0.17 20.84 -7.75
CA LEU A 344 -0.24 20.29 -6.46
C LEU A 344 -1.60 19.63 -6.54
N PHE A 345 -2.57 20.30 -7.17
CA PHE A 345 -3.89 19.71 -7.34
C PHE A 345 -3.80 18.42 -8.13
N VAL A 346 -3.03 18.42 -9.22
CA VAL A 346 -2.92 17.24 -10.08
C VAL A 346 -2.32 16.08 -9.31
N VAL A 347 -1.23 16.31 -8.57
CA VAL A 347 -0.57 15.21 -7.89
C VAL A 347 -1.40 14.70 -6.72
N VAL A 348 -2.06 15.59 -5.97
CA VAL A 348 -2.91 15.14 -4.88
C VAL A 348 -4.07 14.30 -5.40
N LEU A 349 -4.74 14.79 -6.45
CA LEU A 349 -5.85 14.05 -7.03
C LEU A 349 -5.40 12.72 -7.61
N ALA A 350 -4.23 12.71 -8.27
CA ALA A 350 -3.72 11.46 -8.83
C ALA A 350 -3.39 10.45 -7.75
N SER A 351 -2.76 10.90 -6.66
CA SER A 351 -2.44 9.98 -5.57
C SER A 351 -3.71 9.42 -4.95
N VAL A 352 -4.72 10.27 -4.71
CA VAL A 352 -5.96 9.79 -4.11
C VAL A 352 -6.66 8.81 -5.04
N LEU A 353 -6.72 9.13 -6.34
CA LEU A 353 -7.36 8.24 -7.29
C LEU A 353 -6.65 6.91 -7.38
N VAL A 354 -5.31 6.92 -7.45
CA VAL A 354 -4.56 5.68 -7.51
C VAL A 354 -4.81 4.85 -6.26
N PHE A 355 -4.76 5.49 -5.08
CA PHE A 355 -5.06 4.78 -3.84
C PHE A 355 -6.42 4.12 -3.89
N LEU A 356 -7.48 4.92 -4.04
CA LEU A 356 -8.84 4.41 -3.94
C LEU A 356 -9.16 3.38 -5.02
N ILE A 357 -8.65 3.56 -6.24
CA ILE A 357 -9.04 2.69 -7.33
C ILE A 357 -8.14 1.47 -7.47
N CYS A 358 -6.95 1.48 -6.85
CA CYS A 358 -6.00 0.39 -7.01
C CYS A 358 -5.72 -0.35 -5.72
N SER A 359 -5.35 0.35 -4.65
CA SER A 359 -4.96 -0.35 -3.43
C SER A 359 -6.16 -0.93 -2.71
N LEU A 360 -7.25 -0.16 -2.62
CA LEU A 360 -8.43 -0.54 -1.85
C LEU A 360 -9.17 -1.76 -2.38
N PRO A 361 -9.15 -2.05 -3.70
CA PRO A 361 -9.78 -3.29 -4.18
C PRO A 361 -9.28 -4.56 -3.49
N LEU A 362 -7.97 -4.68 -3.23
CA LEU A 362 -7.49 -5.88 -2.55
C LEU A 362 -7.99 -5.94 -1.12
N SER A 363 -8.19 -4.79 -0.48
CA SER A 363 -8.71 -4.78 0.89
C SER A 363 -10.19 -5.14 0.92
N ILE A 364 -10.95 -4.70 -0.08
CA ILE A 364 -12.39 -4.98 -0.09
C ILE A 364 -12.71 -6.36 -0.66
N TYR A 365 -11.77 -6.98 -1.39
CA TYR A 365 -11.99 -8.36 -1.82
C TYR A 365 -12.08 -9.31 -0.64
N TRP A 366 -11.23 -9.12 0.38
CA TRP A 366 -11.34 -9.93 1.59
C TRP A 366 -12.69 -9.72 2.28
N PHE A 367 -13.17 -8.48 2.33
CA PHE A 367 -14.45 -8.20 2.95
C PHE A 367 -15.61 -8.83 2.19
N VAL A 368 -15.61 -8.75 0.86
CA VAL A 368 -16.71 -9.29 0.07
C VAL A 368 -16.62 -10.81 -0.09
N LEU A 369 -15.45 -11.40 0.18
CA LEU A 369 -15.38 -12.86 0.20
C LEU A 369 -16.28 -13.42 1.29
N TYR A 370 -16.28 -12.80 2.47
CA TYR A 370 -17.26 -13.06 3.50
C TYR A 370 -18.47 -12.15 3.33
N TRP A 371 -19.48 -12.35 4.17
CA TRP A 371 -20.66 -11.50 4.22
C TRP A 371 -21.46 -11.51 2.92
N LEU A 372 -21.03 -12.30 1.94
CA LEU A 372 -21.70 -12.32 0.64
C LEU A 372 -21.30 -13.61 -0.08
N SER A 373 -22.27 -14.23 -0.74
CA SER A 373 -22.06 -15.50 -1.44
C SER A 373 -21.64 -15.20 -2.88
N LEU A 374 -20.36 -14.92 -3.06
CA LEU A 374 -19.81 -14.76 -4.40
C LEU A 374 -19.73 -16.11 -5.09
N PRO A 375 -20.04 -16.16 -6.39
CA PRO A 375 -19.88 -17.41 -7.12
C PRO A 375 -18.44 -17.85 -7.13
N PRO A 376 -18.18 -19.16 -7.03
CA PRO A 376 -16.79 -19.64 -7.02
C PRO A 376 -16.09 -19.55 -8.37
N GLU A 377 -16.84 -19.42 -9.47
CA GLU A 377 -16.21 -19.32 -10.78
C GLU A 377 -15.63 -17.94 -11.02
N MET A 378 -16.31 -16.89 -10.54
CA MET A 378 -15.90 -15.51 -10.79
C MET A 378 -15.03 -14.93 -9.69
N GLN A 379 -14.84 -15.65 -8.58
CA GLN A 379 -14.00 -15.12 -7.51
C GLN A 379 -12.54 -15.01 -7.94
N VAL A 380 -12.09 -15.90 -8.84
CA VAL A 380 -10.73 -15.83 -9.33
C VAL A 380 -10.54 -14.56 -10.17
N LEU A 381 -11.56 -14.16 -10.92
CA LEU A 381 -11.49 -12.90 -11.66
C LEU A 381 -11.35 -11.71 -10.71
N CYS A 382 -12.13 -11.69 -9.64
CA CYS A 382 -12.03 -10.60 -8.67
C CYS A 382 -10.65 -10.59 -8.00
N PHE A 383 -10.11 -11.77 -7.69
CA PHE A 383 -8.79 -11.83 -7.10
C PHE A 383 -7.74 -11.29 -8.07
N SER A 384 -7.85 -11.64 -9.36
CA SER A 384 -6.90 -11.14 -10.34
C SER A 384 -7.00 -9.63 -10.50
N LEU A 385 -8.22 -9.09 -10.54
CA LEU A 385 -8.39 -7.65 -10.60
C LEU A 385 -7.75 -6.96 -9.39
N SER A 386 -8.00 -7.47 -8.19
CA SER A 386 -7.44 -6.87 -7.00
C SER A 386 -5.91 -6.93 -7.01
N ARG A 387 -5.36 -8.08 -7.41
CA ARG A 387 -3.91 -8.22 -7.46
C ARG A 387 -3.29 -7.25 -8.46
N LEU A 388 -3.88 -7.15 -9.65
CA LEU A 388 -3.33 -6.23 -10.66
C LEU A 388 -3.47 -4.77 -10.22
N SER A 389 -4.58 -4.42 -9.58
CA SER A 389 -4.75 -3.05 -9.10
C SER A 389 -3.71 -2.70 -8.05
N SER A 390 -3.51 -3.57 -7.06
CA SER A 390 -2.48 -3.30 -6.06
C SER A 390 -1.09 -3.29 -6.68
N SER A 391 -0.88 -4.13 -7.70
CA SER A 391 0.39 -4.12 -8.42
C SER A 391 0.65 -2.77 -9.06
N VAL A 392 -0.36 -2.22 -9.74
CA VAL A 392 -0.21 -0.93 -10.40
C VAL A 392 0.04 0.16 -9.37
N SER A 393 -0.69 0.13 -8.26
CA SER A 393 -0.48 1.15 -7.22
C SER A 393 0.94 1.10 -6.67
N SER A 394 1.45 -0.10 -6.35
CA SER A 394 2.79 -0.21 -5.81
C SER A 394 3.85 0.17 -6.83
N SER A 395 3.63 -0.18 -8.10
CA SER A 395 4.62 0.15 -9.13
C SER A 395 4.62 1.63 -9.49
N ALA A 396 3.49 2.31 -9.32
CA ALA A 396 3.40 3.74 -9.61
C ALA A 396 3.73 4.61 -8.41
N ASN A 397 3.76 4.05 -7.19
CA ASN A 397 4.16 4.84 -6.04
C ASN A 397 5.54 5.49 -6.17
N PRO A 398 6.59 4.81 -6.66
CA PRO A 398 7.87 5.51 -6.85
C PRO A 398 7.79 6.67 -7.82
N VAL A 399 6.92 6.59 -8.83
CA VAL A 399 6.80 7.68 -9.79
C VAL A 399 6.15 8.90 -9.16
N ILE A 400 5.07 8.70 -8.39
CA ILE A 400 4.30 9.81 -7.86
C ILE A 400 4.78 10.27 -6.49
N TYR A 401 5.75 9.59 -5.89
CA TYR A 401 6.27 10.00 -4.59
C TYR A 401 7.75 10.31 -4.58
N PHE A 402 8.51 9.82 -5.57
CA PHE A 402 9.94 10.12 -5.64
C PHE A 402 10.30 11.02 -6.81
N LEU A 403 9.91 10.65 -8.03
CA LEU A 403 10.23 11.48 -9.18
C LEU A 403 9.55 12.84 -9.09
N VAL A 404 8.30 12.88 -8.61
CA VAL A 404 7.66 14.17 -8.35
C VAL A 404 8.36 14.90 -7.22
N GLY A 405 8.69 14.18 -6.15
CA GLY A 405 9.40 14.78 -5.02
C GLY A 405 10.90 14.61 -5.12
N SER A 406 11.48 15.08 -6.21
CA SER A 406 12.93 14.97 -6.46
C SER A 406 13.48 16.39 -6.56
N ARG A 407 13.96 16.92 -5.43
CA ARG A 407 14.54 18.26 -5.37
C ARG A 407 16.04 18.23 -5.19
N ARG A 408 16.57 17.30 -4.40
CA ARG A 408 18.01 17.16 -4.26
C ARG A 408 18.66 16.49 -5.46
N SER A 409 17.91 15.69 -6.21
CA SER A 409 18.47 15.02 -7.38
C SER A 409 18.82 16.00 -8.50
N HIS A 410 18.29 17.22 -8.46
CA HIS A 410 18.59 18.22 -9.47
C HIS A 410 20.05 18.65 -9.40
C1 PLM B . 2.81 -27.28 9.57
O1 PLM B . 3.33 -28.42 9.62
O2 PLM B . 1.74 -27.03 8.99
C2 PLM B . 3.55 -26.13 10.25
C3 PLM B . 4.93 -25.89 9.73
C4 PLM B . 4.93 -25.35 8.31
C5 PLM B . 4.42 -23.94 8.18
C6 PLM B . 4.55 -23.36 6.79
C7 PLM B . 4.24 -21.88 6.71
C8 PLM B . 2.81 -21.52 7.01
C9 PLM B . 2.55 -20.03 7.04
CA PLM B . 3.26 -19.29 8.13
CB PLM B . 2.97 -17.81 8.20
CC PLM B . 3.51 -17.14 9.44
CD PLM B . 3.16 -15.67 9.56
CE PLM B . 3.86 -14.79 8.56
CF PLM B . 3.58 -13.32 8.76
CG PLM B . 4.34 -12.42 7.80
C1 PLM C . -0.98 -27.02 13.24
O1 PLM C . -1.71 -26.82 12.25
O2 PLM C . -1.36 -27.61 14.26
C2 PLM C . 0.44 -26.51 13.19
C3 PLM C . 1.25 -26.80 14.42
C4 PLM C . 2.69 -26.30 14.31
C5 PLM C . 2.82 -24.81 14.10
C6 PLM C . 2.13 -23.98 15.14
C7 PLM C . 2.30 -22.49 14.96
C8 PLM C . 1.44 -21.66 15.89
C9 PLM C . 1.62 -20.17 15.75
CA PLM C . 2.98 -19.66 16.18
CB PLM C . 3.09 -18.17 16.22
CC PLM C . 3.11 -17.49 14.87
CD PLM C . 2.93 -15.99 14.94
CE PLM C . 3.30 -15.25 13.67
CF PLM C . 4.79 -15.28 13.38
CG PLM C . 5.21 -14.41 12.22
C1 PLM D . -3.64 -21.76 20.07
O1 PLM D . -4.59 -22.23 19.42
O2 PLM D . -2.56 -22.38 20.26
C2 PLM D . -3.80 -20.38 20.69
C3 PLM D . -2.83 -19.36 20.17
C4 PLM D . -2.98 -18.02 20.86
C5 PLM D . -2.11 -16.93 20.28
C6 PLM D . -2.39 -16.63 18.83
C7 PLM D . -1.59 -15.48 18.26
C8 PLM D . -0.10 -15.72 18.18
C9 PLM D . 0.66 -14.58 17.54
CA PLM D . 0.55 -13.28 18.30
CB PLM D . 0.86 -12.03 17.50
CC PLM D . 2.32 -11.77 17.22
CD PLM D . 2.89 -12.50 16.03
CE PLM D . 4.19 -11.95 15.51
CF PLM D . 5.31 -11.87 16.53
CG PLM D . 5.73 -13.22 17.07
C1 PLM E . 16.94 9.23 10.20
O1 PLM E . 17.92 8.51 9.92
O2 PLM E . 16.84 10.42 9.85
C2 PLM E . 15.82 8.61 11.02
C3 PLM E . 15.94 7.15 11.30
C4 PLM E . 15.73 6.30 10.07
C5 PLM E . 15.86 4.81 10.31
C6 PLM E . 15.61 3.96 9.09
C7 PLM E . 14.22 4.08 8.53
C8 PLM E . 13.12 3.70 9.49
C9 PLM E . 13.15 2.26 9.94
CA PLM E . 11.99 1.88 10.82
CB PLM E . 11.96 0.42 11.22
CC PLM E . 11.99 -0.54 10.06
CD PLM E . 11.18 -1.80 10.28
CE PLM E . 11.50 -2.55 11.55
CF PLM E . 10.51 -3.64 11.87
CG PLM E . 10.33 -4.67 10.79
C1 PLM F . -0.91 20.73 16.53
O1 PLM F . -0.47 20.88 17.69
O2 PLM F . -1.43 21.66 15.87
C2 PLM F . -0.78 19.36 15.89
C3 PLM F . 0.62 18.86 15.76
C4 PLM F . 0.70 17.50 15.10
C5 PLM F . -0.02 16.40 15.85
C6 PLM F . 0.22 15.02 15.27
C7 PLM F . 1.65 14.56 15.36
C8 PLM F . 1.99 13.40 14.47
C9 PLM F . 1.24 12.12 14.76
CA PLM F . 1.64 11.44 16.04
CB PLM F . 0.95 10.11 16.26
CC PLM F . -0.56 10.19 16.26
CD PLM F . -1.25 8.87 16.48
CE PLM F . -2.75 8.96 16.49
CF PLM F . -3.46 7.65 16.70
CG PLM F . -3.14 6.98 18.02
C1 PLM G . -9.30 -10.43 21.91
O1 PLM G . -8.62 -11.01 22.78
O2 PLM G . -10.47 -10.02 22.10
C2 PLM G . -8.69 -10.23 20.54
C3 PLM G . -9.58 -9.54 19.55
C4 PLM G . -8.98 -9.47 18.17
C5 PLM G . -7.74 -8.60 18.05
C6 PLM G . -7.07 -8.68 16.71
C7 PLM G . -5.99 -7.66 16.47
C8 PLM G . -6.47 -6.23 16.52
C9 PLM G . -5.64 -5.27 15.69
CA PLM G . -4.20 -5.16 16.11
CB PLM G . -3.39 -4.23 15.23
CC PLM G . -3.94 -2.84 15.13
CD PLM G . -3.27 -1.97 14.09
CE PLM G . -3.32 -2.52 12.69
CF PLM G . -2.84 -1.59 11.61
CG PLM G . -1.42 -1.10 11.77
C1 PLM H . 3.95 13.66 10.56
O1 PLM H . 3.41 14.66 10.04
O2 PLM H . 5.07 13.68 11.10
C2 PLM H . 3.20 12.34 10.52
C3 PLM H . 1.81 12.40 11.07
C4 PLM H . 1.29 11.03 11.46
C5 PLM H . 1.11 10.06 10.32
C6 PLM H . 0.83 8.65 10.78
C7 PLM H . -0.30 8.55 11.77
C8 PLM H . -1.67 8.72 11.17
C9 PLM H . -2.10 7.56 10.30
CA PLM H . -2.11 6.22 11.00
CB PLM H . -2.94 6.20 12.26
CC PLM H . -3.00 4.87 12.95
CD PLM H . -3.73 4.89 14.27
CE PLM H . -3.92 3.54 14.90
CF PLM H . -4.79 2.60 14.12
CG PLM H . -5.04 1.28 14.82
#